data_2R5Q
#
_entry.id   2R5Q
#
_cell.length_a   46.717
_cell.length_b   60.061
_cell.length_c   86.710
_cell.angle_alpha   90.000
_cell.angle_beta   94.670
_cell.angle_gamma   90.000
#
_symmetry.space_group_name_H-M   'P 1 21 1'
#
loop_
_entity.id
_entity.type
_entity.pdbx_description
1 polymer Protease
2 non-polymer '2-[2-HYDROXY-3-(3-HYDROXY-2-METHYL-BENZOYLAMINO)-4-PHENYL SULFANYL-BUTYL]-DECAHYDRO-ISOQUINOLINE-3-CARBOXYLIC ACID TERT-BUTYLAMIDE'
3 water water
#
_entity_poly.entity_id   1
_entity_poly.type   'polypeptide(L)'
_entity_poly.pdbx_seq_one_letter_code
;PQITLWKRPLVSIKVGGQIKEALLDTGADDTVIEEIALPGRWKPKMIGGIGGFIKVRQYDQIIIEICGKKAIGTVLVGPT
PVNIIGRNMLTQLGCTLNF
;
_entity_poly.pdbx_strand_id   A,B,C,D
#
loop_
_chem_comp.id
_chem_comp.type
_chem_comp.name
_chem_comp.formula
1UN non-polymer '2-[2-HYDROXY-3-(3-HYDROXY-2-METHYL-BENZOYLAMINO)-4-PHENYL SULFANYL-BUTYL]-DECAHYDRO-ISOQUINOLINE-3-CARBOXYLIC ACID TERT-BUTYLAMIDE' 'C32 H45 N3 O4 S'
#
# COMPACT_ATOMS: atom_id res chain seq x y z
N PRO A 1 -0.68 6.38 -15.99
CA PRO A 1 -1.63 6.10 -17.08
C PRO A 1 -2.08 4.64 -17.08
N GLN A 2 -2.88 4.29 -18.08
CA GLN A 2 -3.30 2.93 -18.28
C GLN A 2 -2.63 2.46 -19.56
N ILE A 3 -1.93 1.33 -19.50
CA ILE A 3 -1.21 0.84 -20.66
C ILE A 3 -1.79 -0.49 -21.09
N THR A 4 -2.07 -0.61 -22.39
CA THR A 4 -2.59 -1.85 -22.95
C THR A 4 -1.39 -2.68 -23.38
N LEU A 5 -1.62 -3.97 -23.60
CA LEU A 5 -0.54 -4.89 -23.90
C LEU A 5 -0.55 -5.47 -25.31
N TRP A 6 -1.31 -4.86 -26.23
CA TRP A 6 -1.33 -5.32 -27.61
C TRP A 6 0.11 -5.32 -28.09
N LYS A 7 0.85 -4.31 -27.67
CA LYS A 7 2.27 -4.23 -27.99
C LYS A 7 3.06 -4.09 -26.69
N ARG A 8 4.38 -4.28 -26.80
CA ARG A 8 5.27 -4.16 -25.65
C ARG A 8 5.04 -2.85 -24.91
N PRO A 9 4.92 -2.92 -23.57
CA PRO A 9 4.69 -1.72 -22.75
C PRO A 9 5.99 -0.94 -22.49
N LEU A 10 6.56 -0.40 -23.57
CA LEU A 10 7.78 0.40 -23.49
C LEU A 10 7.45 1.82 -23.06
N VAL A 11 8.31 2.41 -22.21
CA VAL A 11 8.12 3.77 -21.77
C VAL A 11 9.46 4.50 -21.68
N SER A 12 9.40 5.82 -21.53
CA SER A 12 10.61 6.61 -21.35
C SER A 12 10.87 6.72 -19.87
N ILE A 13 12.12 6.47 -19.47
CA ILE A 13 12.48 6.59 -18.07
C ILE A 13 13.67 7.52 -17.96
N LYS A 14 13.79 8.16 -16.81
CA LYS A 14 14.90 9.04 -16.54
C LYS A 14 15.72 8.35 -15.47
N VAL A 15 16.89 7.84 -15.87
CA VAL A 15 17.79 7.18 -14.94
C VAL A 15 19.25 7.57 -15.22
N GLY A 16 20.04 7.70 -14.15
CA GLY A 16 21.43 8.08 -14.30
C GLY A 16 21.65 9.36 -15.08
N GLY A 17 20.74 10.32 -14.89
CA GLY A 17 20.81 11.59 -15.58
C GLY A 17 20.57 11.41 -17.07
N GLN A 18 20.21 10.17 -17.42
CA GLN A 18 19.96 9.77 -18.80
C GLN A 18 18.48 9.39 -19.04
N ILE A 19 18.01 9.63 -20.26
CA ILE A 19 16.66 9.25 -20.66
C ILE A 19 16.78 8.00 -21.54
N LYS A 20 16.19 6.89 -21.08
CA LYS A 20 16.25 5.64 -21.83
C LYS A 20 14.86 5.07 -22.03
N GLU A 21 14.77 4.06 -22.89
CA GLU A 21 13.51 3.38 -23.14
C GLU A 21 13.57 2.07 -22.37
N ALA A 22 12.48 1.72 -21.67
CA ALA A 22 12.46 0.48 -20.90
C ALA A 22 11.09 -0.17 -20.93
N LEU A 23 11.04 -1.44 -20.55
CA LEU A 23 9.82 -2.24 -20.59
C LEU A 23 9.26 -2.51 -19.19
N LEU A 24 7.99 -2.18 -18.98
CA LEU A 24 7.36 -2.46 -17.69
C LEU A 24 7.09 -3.96 -17.67
N ASP A 25 7.83 -4.67 -16.81
CA ASP A 25 7.79 -6.11 -16.75
C ASP A 25 7.31 -6.66 -15.40
N THR A 26 6.07 -7.16 -15.37
CA THR A 26 5.51 -7.75 -14.15
C THR A 26 6.15 -9.09 -13.82
N GLY A 27 6.77 -9.71 -14.83
CA GLY A 27 7.44 -11.00 -14.62
C GLY A 27 8.85 -10.91 -14.10
N ALA A 28 9.42 -9.69 -14.09
CA ALA A 28 10.79 -9.48 -13.61
C ALA A 28 10.86 -9.07 -12.13
N ASP A 29 11.61 -9.83 -11.34
CA ASP A 29 11.80 -9.49 -9.94
C ASP A 29 12.68 -8.24 -9.86
N ASP A 30 13.61 -8.10 -10.80
CA ASP A 30 14.57 -7.01 -10.72
C ASP A 30 14.50 -6.08 -11.91
N THR A 31 15.21 -4.96 -11.78
CA THR A 31 15.29 -3.94 -12.81
C THR A 31 16.71 -3.98 -13.34
N VAL A 32 16.84 -4.11 -14.66
CA VAL A 32 18.16 -4.19 -15.26
C VAL A 32 18.27 -3.35 -16.52
N ILE A 33 19.31 -2.51 -16.55
CA ILE A 33 19.52 -1.59 -17.65
C ILE A 33 20.81 -1.93 -18.38
N GLU A 34 20.81 -1.70 -19.69
CA GLU A 34 22.00 -1.89 -20.52
C GLU A 34 23.12 -1.02 -19.90
N GLU A 35 24.36 -1.22 -20.34
CA GLU A 35 25.49 -0.43 -19.84
C GLU A 35 25.14 1.04 -19.64
N ILE A 36 25.40 1.53 -18.43
CA ILE A 36 25.13 2.93 -18.09
C ILE A 36 25.97 3.32 -16.87
N ALA A 37 26.43 4.58 -16.83
CA ALA A 37 27.26 5.06 -15.73
C ALA A 37 26.40 5.40 -14.52
N LEU A 38 26.70 4.76 -13.39
CA LEU A 38 25.97 5.02 -12.16
C LEU A 38 26.91 5.27 -10.99
N PRO A 39 26.50 6.15 -10.07
CA PRO A 39 27.27 6.51 -8.88
C PRO A 39 27.21 5.49 -7.76
N GLY A 40 28.27 5.45 -6.95
CA GLY A 40 28.32 4.52 -5.84
C GLY A 40 29.10 3.28 -6.19
N ARG A 41 29.23 2.38 -5.21
CA ARG A 41 29.94 1.14 -5.43
C ARG A 41 28.93 0.05 -5.77
N TRP A 42 29.41 -0.99 -6.43
CA TRP A 42 28.54 -2.06 -6.89
C TRP A 42 29.05 -3.42 -6.47
N LYS A 43 28.19 -4.44 -6.59
CA LYS A 43 28.56 -5.81 -6.30
C LYS A 43 28.13 -6.67 -7.49
N PRO A 44 28.95 -7.65 -7.86
CA PRO A 44 28.61 -8.52 -9.00
C PRO A 44 27.43 -9.42 -8.67
N LYS A 45 26.58 -9.66 -9.65
CA LYS A 45 25.42 -10.52 -9.43
C LYS A 45 25.11 -11.27 -10.73
N MET A 46 24.61 -12.49 -10.58
CA MET A 46 24.20 -13.30 -11.71
C MET A 46 22.69 -13.40 -11.67
N ILE A 47 22.05 -13.02 -12.79
CA ILE A 47 20.60 -13.13 -12.89
C ILE A 47 20.31 -14.04 -14.07
N GLY A 48 19.31 -14.89 -13.91
CA GLY A 48 18.97 -15.82 -14.97
C GLY A 48 17.55 -15.72 -15.46
N GLY A 49 17.32 -16.31 -16.64
CA GLY A 49 16.00 -16.30 -17.23
C GLY A 49 16.03 -17.18 -18.45
N ILE A 50 15.13 -16.90 -19.41
CA ILE A 50 15.09 -17.67 -20.62
C ILE A 50 16.39 -17.42 -21.37
N GLY A 51 17.09 -18.49 -21.72
CA GLY A 51 18.35 -18.35 -22.44
C GLY A 51 19.59 -18.55 -21.60
N GLY A 52 19.43 -18.45 -20.28
CA GLY A 52 20.55 -18.62 -19.38
C GLY A 52 20.81 -17.45 -18.45
N PHE A 53 21.99 -17.43 -17.84
CA PHE A 53 22.36 -16.37 -16.89
C PHE A 53 23.32 -15.37 -17.50
N ILE A 54 23.28 -14.14 -16.99
CA ILE A 54 24.24 -13.10 -17.39
C ILE A 54 24.81 -12.47 -16.12
N LYS A 55 25.95 -11.80 -16.26
CA LYS A 55 26.60 -11.15 -15.12
C LYS A 55 26.23 -9.68 -15.16
N VAL A 56 25.93 -9.10 -13.99
CA VAL A 56 25.52 -7.71 -13.90
C VAL A 56 26.14 -7.04 -12.69
N ARG A 57 26.13 -5.71 -12.69
CA ARG A 57 26.62 -4.94 -11.56
C ARG A 57 25.41 -4.46 -10.78
N GLN A 58 25.40 -4.70 -9.46
CA GLN A 58 24.27 -4.29 -8.62
C GLN A 58 24.53 -2.95 -7.94
N TYR A 59 23.76 -1.94 -8.33
CA TYR A 59 23.85 -0.63 -7.69
C TYR A 59 22.61 -0.41 -6.82
N ASP A 60 22.81 0.11 -5.62
CA ASP A 60 21.70 0.37 -4.72
C ASP A 60 21.40 1.87 -4.65
N GLN A 61 20.20 2.21 -4.15
CA GLN A 61 19.82 3.59 -3.95
C GLN A 61 19.80 4.40 -5.23
N ILE A 62 19.31 3.79 -6.31
CA ILE A 62 19.23 4.47 -7.59
C ILE A 62 17.82 5.02 -7.78
N ILE A 63 17.73 6.25 -8.26
CA ILE A 63 16.43 6.86 -8.52
C ILE A 63 16.09 6.77 -10.00
N ILE A 64 14.83 6.46 -10.29
CA ILE A 64 14.37 6.40 -11.66
C ILE A 64 13.07 7.17 -11.77
N GLU A 65 12.75 7.63 -12.97
CA GLU A 65 11.52 8.38 -13.20
C GLU A 65 10.76 7.89 -14.42
N ILE A 66 9.44 7.71 -14.25
CA ILE A 66 8.57 7.25 -15.32
C ILE A 66 7.19 7.91 -15.21
N CYS A 67 6.87 8.74 -16.19
CA CYS A 67 5.58 9.44 -16.23
C CYS A 67 5.33 10.33 -15.00
N GLY A 68 6.32 11.16 -14.67
CA GLY A 68 6.18 12.06 -13.54
C GLY A 68 6.34 11.46 -12.15
N LYS A 69 6.34 10.12 -12.07
CA LYS A 69 6.49 9.45 -10.79
C LYS A 69 7.91 8.97 -10.58
N LYS A 70 8.37 9.04 -9.33
CA LYS A 70 9.72 8.62 -9.00
C LYS A 70 9.73 7.43 -8.06
N ALA A 71 10.82 6.67 -8.11
CA ALA A 71 11.00 5.52 -7.26
C ALA A 71 12.50 5.36 -7.04
N ILE A 72 12.87 4.75 -5.92
CA ILE A 72 14.27 4.53 -5.63
C ILE A 72 14.48 3.08 -5.20
N GLY A 73 15.60 2.51 -5.62
CA GLY A 73 15.89 1.13 -5.26
C GLY A 73 17.12 0.60 -5.97
N THR A 74 17.17 -0.73 -6.12
CA THR A 74 18.29 -1.37 -6.77
C THR A 74 18.14 -1.46 -8.29
N VAL A 75 19.23 -1.16 -8.99
CA VAL A 75 19.27 -1.24 -10.44
C VAL A 75 20.47 -2.08 -10.85
N LEU A 76 20.24 -3.05 -11.73
CA LEU A 76 21.29 -3.94 -12.19
C LEU A 76 21.73 -3.50 -13.57
N VAL A 77 23.05 -3.46 -13.79
CA VAL A 77 23.59 -3.01 -15.05
C VAL A 77 24.30 -4.16 -15.72
N GLY A 78 23.97 -4.42 -16.98
CA GLY A 78 24.59 -5.51 -17.69
C GLY A 78 24.14 -5.71 -19.12
N PRO A 79 24.64 -6.76 -19.79
CA PRO A 79 24.29 -7.06 -21.18
C PRO A 79 22.89 -7.64 -21.38
N THR A 80 21.88 -6.78 -21.28
CA THR A 80 20.51 -7.18 -21.48
C THR A 80 20.08 -6.62 -22.84
N PRO A 81 19.33 -7.40 -23.64
CA PRO A 81 18.87 -6.98 -24.97
C PRO A 81 17.81 -5.88 -24.94
N VAL A 82 17.16 -5.73 -23.78
CA VAL A 82 16.11 -4.72 -23.59
C VAL A 82 16.18 -4.25 -22.13
N ASN A 83 15.88 -2.97 -21.89
CA ASN A 83 15.91 -2.44 -20.54
C ASN A 83 14.64 -2.87 -19.78
N ILE A 84 14.82 -3.44 -18.59
CA ILE A 84 13.70 -3.98 -17.81
C ILE A 84 13.45 -3.29 -16.48
N ILE A 85 12.23 -2.78 -16.32
CA ILE A 85 11.77 -2.21 -15.06
C ILE A 85 11.02 -3.32 -14.30
N GLY A 86 11.67 -3.88 -13.27
CA GLY A 86 11.06 -4.97 -12.52
C GLY A 86 10.12 -4.56 -11.41
N ARG A 87 9.61 -5.56 -10.69
CA ARG A 87 8.68 -5.32 -9.59
C ARG A 87 9.26 -4.54 -8.43
N ASN A 88 10.58 -4.57 -8.23
CA ASN A 88 11.15 -3.79 -7.14
C ASN A 88 10.90 -2.30 -7.37
N MET A 89 10.78 -1.90 -8.63
CA MET A 89 10.48 -0.52 -8.99
C MET A 89 8.98 -0.31 -9.29
N LEU A 90 8.38 -1.24 -10.03
CA LEU A 90 6.94 -1.12 -10.35
C LEU A 90 6.07 -0.87 -9.12
N THR A 91 6.37 -1.53 -8.01
CA THR A 91 5.58 -1.33 -6.79
C THR A 91 5.63 0.13 -6.32
N GLN A 92 6.84 0.69 -6.30
CA GLN A 92 7.05 2.06 -5.86
C GLN A 92 6.27 3.08 -6.70
N LEU A 93 6.03 2.74 -7.97
CA LEU A 93 5.29 3.62 -8.87
C LEU A 93 3.79 3.41 -8.72
N GLY A 94 3.39 2.46 -7.87
CA GLY A 94 1.98 2.20 -7.69
C GLY A 94 1.39 1.53 -8.92
N CYS A 95 2.24 0.79 -9.65
CA CYS A 95 1.81 0.09 -10.84
C CYS A 95 1.10 -1.22 -10.48
N THR A 96 -0.10 -1.40 -11.02
CA THR A 96 -0.85 -2.63 -10.81
C THR A 96 -1.26 -3.22 -12.15
N LEU A 97 -1.80 -4.42 -12.10
CA LEU A 97 -2.25 -5.13 -13.29
C LEU A 97 -3.76 -5.21 -13.13
N ASN A 98 -4.50 -4.75 -14.14
CA ASN A 98 -5.95 -4.75 -14.03
C ASN A 98 -6.65 -5.45 -15.18
N PHE A 99 -7.80 -6.07 -14.89
CA PHE A 99 -8.63 -6.71 -15.89
C PHE A 99 -10.00 -6.99 -15.28
N PRO B 1 -10.33 -7.86 -11.72
CA PRO B 1 -9.70 -7.33 -10.49
C PRO B 1 -8.43 -6.53 -10.74
N GLN B 2 -7.73 -6.25 -9.65
CA GLN B 2 -6.46 -5.51 -9.67
C GLN B 2 -5.44 -6.33 -8.90
N ILE B 3 -4.27 -6.54 -9.52
CA ILE B 3 -3.21 -7.32 -8.91
C ILE B 3 -2.00 -6.44 -8.63
N THR B 4 -1.56 -6.44 -7.36
CA THR B 4 -0.37 -5.67 -6.98
C THR B 4 0.87 -6.52 -7.24
N LEU B 5 2.03 -5.86 -7.29
CA LEU B 5 3.28 -6.53 -7.64
C LEU B 5 4.28 -6.74 -6.51
N TRP B 6 3.82 -6.62 -5.26
CA TRP B 6 4.69 -6.81 -4.10
C TRP B 6 5.29 -8.20 -4.07
N LYS B 7 4.62 -9.14 -4.72
CA LYS B 7 5.14 -10.48 -4.87
C LYS B 7 4.89 -10.89 -6.33
N ARG B 8 5.56 -11.95 -6.78
CA ARG B 8 5.39 -12.43 -8.15
C ARG B 8 3.89 -12.68 -8.40
N PRO B 9 3.36 -12.20 -9.52
CA PRO B 9 1.94 -12.43 -9.78
C PRO B 9 1.70 -13.85 -10.33
N LEU B 10 1.62 -14.81 -9.42
CA LEU B 10 1.41 -16.20 -9.80
C LEU B 10 -0.09 -16.51 -9.79
N VAL B 11 -0.55 -17.26 -10.78
CA VAL B 11 -1.96 -17.68 -10.84
C VAL B 11 -2.01 -19.14 -11.25
N SER B 12 -3.14 -19.80 -10.99
CA SER B 12 -3.32 -21.19 -11.40
C SER B 12 -3.92 -21.22 -12.80
N ILE B 13 -3.44 -22.12 -13.65
CA ILE B 13 -3.93 -22.20 -15.02
C ILE B 13 -4.19 -23.64 -15.40
N LYS B 14 -5.05 -23.83 -16.40
CA LYS B 14 -5.28 -25.17 -16.89
C LYS B 14 -4.97 -25.17 -18.38
N VAL B 15 -4.02 -26.03 -18.77
CA VAL B 15 -3.60 -26.16 -20.15
C VAL B 15 -3.31 -27.62 -20.42
N GLY B 16 -3.64 -28.09 -21.63
CA GLY B 16 -3.40 -29.48 -21.97
C GLY B 16 -3.97 -30.44 -20.93
N GLY B 17 -5.12 -30.06 -20.35
CA GLY B 17 -5.76 -30.89 -19.35
C GLY B 17 -5.12 -30.94 -17.97
N GLN B 18 -4.09 -30.12 -17.76
CA GLN B 18 -3.41 -30.10 -16.48
C GLN B 18 -3.46 -28.74 -15.77
N ILE B 19 -3.38 -28.79 -14.43
CA ILE B 19 -3.36 -27.59 -13.61
C ILE B 19 -1.90 -27.22 -13.36
N LYS B 20 -1.56 -25.94 -13.54
CA LYS B 20 -0.19 -25.47 -13.34
C LYS B 20 -0.15 -24.08 -12.73
N GLU B 21 1.02 -23.69 -12.24
CA GLU B 21 1.22 -22.37 -11.70
C GLU B 21 1.95 -21.60 -12.80
N ALA B 22 1.50 -20.39 -13.09
CA ALA B 22 2.11 -19.59 -14.15
C ALA B 22 2.29 -18.14 -13.69
N LEU B 23 3.17 -17.41 -14.40
CA LEU B 23 3.49 -16.03 -14.08
C LEU B 23 2.90 -15.07 -15.10
N LEU B 24 2.10 -14.09 -14.62
CA LEU B 24 1.56 -13.07 -15.50
C LEU B 24 2.76 -12.17 -15.85
N ASP B 25 3.17 -12.23 -17.12
CA ASP B 25 4.40 -11.58 -17.57
C ASP B 25 4.20 -10.54 -18.68
N THR B 26 4.12 -9.26 -18.31
CA THR B 26 3.97 -8.21 -19.32
C THR B 26 5.27 -8.03 -20.13
N GLY B 27 6.35 -8.63 -19.63
CA GLY B 27 7.63 -8.54 -20.30
C GLY B 27 7.87 -9.66 -21.30
N ALA B 28 6.83 -10.46 -21.53
CA ALA B 28 6.91 -11.58 -22.48
C ALA B 28 5.87 -11.37 -23.58
N ASP B 29 6.29 -11.55 -24.83
CA ASP B 29 5.38 -11.42 -25.96
C ASP B 29 4.55 -12.69 -26.06
N ASP B 30 5.13 -13.80 -25.60
CA ASP B 30 4.53 -15.11 -25.77
C ASP B 30 4.18 -15.82 -24.47
N THR B 31 3.39 -16.88 -24.60
CA THR B 31 2.98 -17.71 -23.48
C THR B 31 3.78 -18.98 -23.65
N VAL B 32 4.59 -19.33 -22.64
CA VAL B 32 5.44 -20.50 -22.78
C VAL B 32 5.33 -21.41 -21.58
N ILE B 33 5.26 -22.71 -21.85
CA ILE B 33 5.07 -23.69 -20.79
C ILE B 33 6.02 -24.88 -20.88
N GLU B 34 6.35 -25.41 -19.71
CA GLU B 34 7.22 -26.57 -19.57
C GLU B 34 6.66 -27.72 -20.43
N GLU B 35 7.52 -28.70 -20.72
CA GLU B 35 7.13 -29.81 -21.56
C GLU B 35 5.77 -30.38 -21.13
N ILE B 36 4.85 -30.47 -22.09
CA ILE B 36 3.51 -30.99 -21.84
C ILE B 36 2.95 -31.45 -23.18
N ALA B 37 1.96 -32.34 -23.15
CA ALA B 37 1.37 -32.88 -24.37
C ALA B 37 0.19 -32.05 -24.89
N LEU B 38 0.37 -31.46 -26.06
CA LEU B 38 -0.66 -30.66 -26.69
C LEU B 38 -0.95 -31.27 -28.06
N PRO B 39 -2.21 -31.20 -28.51
CA PRO B 39 -2.64 -31.74 -29.80
C PRO B 39 -2.29 -30.86 -31.00
N GLY B 40 -2.31 -31.45 -32.18
CA GLY B 40 -2.03 -30.71 -33.39
C GLY B 40 -0.60 -30.71 -33.86
N ARG B 41 -0.37 -29.98 -34.94
CA ARG B 41 0.95 -29.86 -35.52
C ARG B 41 1.60 -28.61 -34.98
N TRP B 42 2.92 -28.62 -34.84
CA TRP B 42 3.61 -27.45 -34.30
C TRP B 42 4.60 -26.89 -35.30
N LYS B 43 5.06 -25.66 -35.03
CA LYS B 43 6.02 -24.96 -35.89
C LYS B 43 7.20 -24.62 -35.01
N PRO B 44 8.41 -24.57 -35.60
CA PRO B 44 9.61 -24.23 -34.82
C PRO B 44 9.56 -22.76 -34.44
N LYS B 45 10.20 -22.39 -33.32
CA LYS B 45 10.28 -20.99 -32.95
C LYS B 45 11.39 -20.68 -31.96
N MET B 46 11.98 -19.48 -32.14
CA MET B 46 13.06 -18.98 -31.30
C MET B 46 12.50 -17.81 -30.50
N ILE B 47 12.77 -17.80 -29.19
CA ILE B 47 12.37 -16.67 -28.36
C ILE B 47 13.59 -16.23 -27.58
N GLY B 48 13.89 -14.94 -27.63
CA GLY B 48 15.05 -14.44 -26.94
C GLY B 48 14.81 -13.87 -25.57
N GLY B 49 15.33 -14.55 -24.54
CA GLY B 49 15.19 -14.08 -23.18
C GLY B 49 16.36 -13.19 -22.79
N ILE B 50 16.62 -13.11 -21.49
CA ILE B 50 17.72 -12.27 -21.00
C ILE B 50 19.07 -12.91 -21.30
N GLY B 51 19.15 -14.25 -21.26
CA GLY B 51 20.41 -14.91 -21.51
C GLY B 51 20.61 -15.43 -22.91
N GLY B 52 19.79 -14.97 -23.85
CA GLY B 52 19.91 -15.45 -25.22
C GLY B 52 18.65 -16.16 -25.69
N PHE B 53 18.71 -16.79 -26.87
CA PHE B 53 17.56 -17.47 -27.44
C PHE B 53 17.53 -18.97 -27.14
N ILE B 54 16.35 -19.58 -27.33
CA ILE B 54 16.17 -21.01 -27.17
C ILE B 54 15.14 -21.45 -28.22
N LYS B 55 14.95 -22.75 -28.41
CA LYS B 55 13.96 -23.19 -29.37
C LYS B 55 12.77 -23.77 -28.62
N VAL B 56 11.58 -23.49 -29.13
CA VAL B 56 10.36 -24.00 -28.51
C VAL B 56 9.41 -24.44 -29.61
N ARG B 57 8.46 -25.31 -29.25
CA ARG B 57 7.46 -25.77 -30.21
C ARG B 57 6.25 -24.86 -30.13
N GLN B 58 5.77 -24.39 -31.28
CA GLN B 58 4.62 -23.47 -31.30
C GLN B 58 3.31 -24.16 -31.67
N TYR B 59 2.36 -24.16 -30.74
CA TYR B 59 1.03 -24.71 -31.01
C TYR B 59 0.07 -23.55 -31.07
N ASP B 60 -0.87 -23.61 -32.02
CA ASP B 60 -1.83 -22.53 -32.16
C ASP B 60 -3.21 -22.97 -31.73
N GLN B 61 -4.03 -21.98 -31.36
CA GLN B 61 -5.41 -22.21 -30.97
C GLN B 61 -5.54 -23.21 -29.82
N ILE B 62 -4.69 -23.03 -28.80
CA ILE B 62 -4.72 -23.90 -27.63
C ILE B 62 -5.58 -23.22 -26.56
N ILE B 63 -6.41 -24.02 -25.88
CA ILE B 63 -7.31 -23.48 -24.86
C ILE B 63 -6.62 -23.47 -23.50
N ILE B 64 -6.82 -22.38 -22.74
CA ILE B 64 -6.23 -22.23 -21.42
C ILE B 64 -7.17 -21.48 -20.49
N GLU B 65 -7.36 -22.00 -19.29
CA GLU B 65 -8.20 -21.32 -18.30
C GLU B 65 -7.27 -20.50 -17.41
N ILE B 66 -7.58 -19.22 -17.27
CA ILE B 66 -6.74 -18.32 -16.48
C ILE B 66 -7.67 -17.36 -15.74
N CYS B 67 -7.51 -17.26 -14.42
CA CYS B 67 -8.33 -16.35 -13.62
C CYS B 67 -9.82 -16.55 -13.93
N GLY B 68 -10.31 -17.78 -13.80
CA GLY B 68 -11.71 -18.04 -14.08
C GLY B 68 -12.14 -17.55 -15.44
N LYS B 69 -11.18 -17.44 -16.36
CA LYS B 69 -11.44 -16.98 -17.72
C LYS B 69 -10.81 -17.97 -18.68
N LYS B 70 -11.16 -17.86 -19.96
CA LYS B 70 -10.58 -18.71 -20.97
C LYS B 70 -9.89 -17.88 -22.04
N ALA B 71 -8.71 -18.35 -22.44
CA ALA B 71 -7.93 -17.71 -23.50
C ALA B 71 -7.63 -18.82 -24.48
N ILE B 72 -7.73 -18.51 -25.77
CA ILE B 72 -7.48 -19.51 -26.80
C ILE B 72 -6.50 -18.91 -27.78
N GLY B 73 -5.26 -19.35 -27.72
CA GLY B 73 -4.25 -18.82 -28.61
C GLY B 73 -2.95 -19.60 -28.72
N THR B 74 -1.91 -18.90 -29.14
CA THR B 74 -0.61 -19.52 -29.33
C THR B 74 0.01 -19.84 -27.97
N VAL B 75 0.53 -21.06 -27.86
CA VAL B 75 1.18 -21.50 -26.64
C VAL B 75 2.50 -22.14 -27.07
N LEU B 76 3.60 -21.65 -26.51
CA LEU B 76 4.91 -22.18 -26.85
C LEU B 76 5.32 -23.17 -25.77
N VAL B 77 5.89 -24.30 -26.19
CA VAL B 77 6.28 -25.33 -25.24
C VAL B 77 7.79 -25.49 -25.29
N GLY B 78 8.43 -25.47 -24.12
CA GLY B 78 9.87 -25.63 -24.06
C GLY B 78 10.46 -25.70 -22.67
N PRO B 79 11.79 -25.88 -22.59
CA PRO B 79 12.51 -25.97 -21.32
C PRO B 79 12.56 -24.64 -20.58
N THR B 80 11.40 -24.18 -20.11
CA THR B 80 11.32 -22.91 -19.39
C THR B 80 11.22 -23.14 -17.88
N PRO B 81 12.00 -22.39 -17.10
CA PRO B 81 12.04 -22.45 -15.63
C PRO B 81 10.68 -22.25 -14.99
N VAL B 82 9.85 -21.42 -15.63
CA VAL B 82 8.57 -21.04 -15.07
C VAL B 82 7.56 -21.04 -16.22
N ASN B 83 6.28 -21.25 -15.93
CA ASN B 83 5.28 -21.19 -16.99
C ASN B 83 4.93 -19.72 -17.13
N ILE B 84 4.85 -19.25 -18.38
CA ILE B 84 4.61 -17.84 -18.58
C ILE B 84 3.38 -17.47 -19.39
N ILE B 85 2.62 -16.52 -18.85
CA ILE B 85 1.46 -15.99 -19.51
C ILE B 85 1.91 -14.66 -20.09
N GLY B 86 2.22 -14.67 -21.38
CA GLY B 86 2.66 -13.47 -22.06
C GLY B 86 1.54 -12.61 -22.57
N ARG B 87 1.90 -11.49 -23.18
CA ARG B 87 0.95 -10.52 -23.72
C ARG B 87 -0.10 -11.06 -24.69
N ASN B 88 0.23 -12.07 -25.48
CA ASN B 88 -0.75 -12.62 -26.40
C ASN B 88 -1.96 -13.15 -25.63
N MET B 89 -1.74 -13.72 -24.45
CA MET B 89 -2.83 -14.23 -23.62
C MET B 89 -3.39 -13.16 -22.68
N LEU B 90 -2.51 -12.31 -22.15
CA LEU B 90 -2.92 -11.26 -21.23
C LEU B 90 -3.91 -10.31 -21.90
N THR B 91 -3.71 -10.03 -23.20
CA THR B 91 -4.61 -9.12 -23.89
C THR B 91 -6.00 -9.76 -24.04
N GLN B 92 -6.05 -11.07 -24.26
CA GLN B 92 -7.36 -11.73 -24.37
C GLN B 92 -8.13 -11.57 -23.07
N LEU B 93 -7.39 -11.45 -21.96
CA LEU B 93 -7.98 -11.28 -20.64
C LEU B 93 -8.32 -9.83 -20.38
N GLY B 94 -7.90 -8.95 -21.29
CA GLY B 94 -8.15 -7.53 -21.11
C GLY B 94 -7.29 -6.89 -20.04
N CYS B 95 -6.05 -7.35 -19.91
CA CYS B 95 -5.14 -6.80 -18.92
C CYS B 95 -4.54 -5.49 -19.35
N THR B 96 -4.38 -4.58 -18.39
CA THR B 96 -3.71 -3.31 -18.66
C THR B 96 -2.82 -3.05 -17.46
N LEU B 97 -1.80 -2.23 -17.64
CA LEU B 97 -0.94 -1.81 -16.54
C LEU B 97 -1.47 -0.45 -16.16
N ASN B 98 -1.52 -0.17 -14.86
CA ASN B 98 -2.07 1.10 -14.39
C ASN B 98 -1.21 1.66 -13.27
N PHE B 99 -0.86 2.94 -13.40
CA PHE B 99 -0.07 3.62 -12.40
C PHE B 99 -0.14 5.14 -12.59
N PRO C 1 -6.23 8.69 36.33
CA PRO C 1 -4.88 8.09 36.25
C PRO C 1 -4.06 8.70 35.13
N GLN C 2 -2.85 8.17 34.95
CA GLN C 2 -1.99 8.58 33.86
C GLN C 2 -1.92 7.39 32.92
N ILE C 3 -2.21 7.62 31.64
CA ILE C 3 -2.21 6.53 30.68
C ILE C 3 -1.12 6.75 29.63
N THR C 4 -0.32 5.72 29.40
CA THR C 4 0.73 5.78 28.40
C THR C 4 0.11 5.33 27.08
N LEU C 5 0.79 5.64 25.98
CA LEU C 5 0.26 5.35 24.65
C LEU C 5 1.01 4.28 23.87
N TRP C 6 1.83 3.45 24.54
CA TRP C 6 2.54 2.38 23.86
C TRP C 6 1.49 1.52 23.18
N LYS C 7 0.37 1.35 23.86
CA LYS C 7 -0.74 0.62 23.29
C LYS C 7 -1.99 1.50 23.34
N ARG C 8 -3.03 1.08 22.63
CA ARG C 8 -4.29 1.81 22.61
C ARG C 8 -4.78 2.10 24.01
N PRO C 9 -5.19 3.34 24.27
CA PRO C 9 -5.70 3.74 25.59
C PRO C 9 -7.16 3.34 25.81
N LEU C 10 -7.38 2.02 25.86
CA LEU C 10 -8.72 1.47 26.08
C LEU C 10 -9.03 1.49 27.56
N VAL C 11 -10.29 1.78 27.91
CA VAL C 11 -10.71 1.78 29.30
C VAL C 11 -12.13 1.23 29.42
N SER C 12 -12.55 0.94 30.64
CA SER C 12 -13.89 0.45 30.88
C SER C 12 -14.76 1.66 31.17
N ILE C 13 -15.92 1.74 30.53
CA ILE C 13 -16.83 2.85 30.76
C ILE C 13 -18.19 2.29 31.12
N LYS C 14 -18.94 3.07 31.88
CA LYS C 14 -20.28 2.68 32.27
C LYS C 14 -21.21 3.63 31.54
N VAL C 15 -21.91 3.10 30.53
CA VAL C 15 -22.85 3.88 29.74
C VAL C 15 -24.13 3.07 29.45
N GLY C 16 -25.28 3.75 29.45
CA GLY C 16 -26.53 3.06 29.20
C GLY C 16 -26.79 1.88 30.11
N GLY C 17 -26.36 2.00 31.37
CA GLY C 17 -26.55 0.93 32.34
C GLY C 17 -25.69 -0.27 31.98
N GLN C 18 -24.83 -0.05 30.97
CA GLN C 18 -23.94 -1.08 30.47
C GLN C 18 -22.47 -0.73 30.64
N ILE C 19 -21.64 -1.77 30.81
CA ILE C 19 -20.20 -1.60 30.93
C ILE C 19 -19.58 -2.00 29.60
N LYS C 20 -18.93 -1.05 28.93
CA LYS C 20 -18.30 -1.32 27.64
C LYS C 20 -16.84 -0.88 27.65
N GLU C 21 -16.11 -1.29 26.62
CA GLU C 21 -14.71 -0.92 26.48
C GLU C 21 -14.67 0.19 25.44
N ALA C 22 -13.87 1.23 25.67
CA ALA C 22 -13.81 2.34 24.74
C ALA C 22 -12.41 2.94 24.72
N LEU C 23 -12.15 3.74 23.69
CA LEU C 23 -10.83 4.33 23.47
C LEU C 23 -10.83 5.84 23.73
N LEU C 24 -9.91 6.30 24.59
CA LEU C 24 -9.80 7.74 24.86
C LEU C 24 -9.13 8.34 23.64
N ASP C 25 -9.91 9.12 22.88
CA ASP C 25 -9.45 9.67 21.61
C ASP C 25 -9.40 11.20 21.56
N THR C 26 -8.20 11.76 21.63
CA THR C 26 -8.01 13.21 21.58
C THR C 26 -8.30 13.75 20.18
N GLY C 27 -8.26 12.88 19.19
CA GLY C 27 -8.51 13.30 17.82
C GLY C 27 -9.98 13.31 17.42
N ALA C 28 -10.83 12.75 18.27
CA ALA C 28 -12.27 12.69 18.01
C ALA C 28 -13.05 13.87 18.63
N ASP C 29 -13.79 14.61 17.80
CA ASP C 29 -14.61 15.69 18.31
C ASP C 29 -15.78 15.10 19.08
N ASP C 30 -16.26 13.95 18.63
CA ASP C 30 -17.44 13.34 19.24
C ASP C 30 -17.17 11.99 19.87
N THR C 31 -18.19 11.52 20.60
CA THR C 31 -18.17 10.24 21.28
C THR C 31 -19.17 9.35 20.57
N VAL C 32 -18.72 8.17 20.15
CA VAL C 32 -19.58 7.27 19.41
C VAL C 32 -19.42 5.83 19.87
N ILE C 33 -20.56 5.22 20.18
CA ILE C 33 -20.60 3.86 20.68
C ILE C 33 -21.33 2.93 19.72
N GLU C 34 -20.86 1.69 19.68
CA GLU C 34 -21.51 0.66 18.87
C GLU C 34 -22.97 0.58 19.31
N GLU C 35 -23.80 -0.11 18.53
CA GLU C 35 -25.22 -0.28 18.88
C GLU C 35 -25.45 -0.48 20.37
N ILE C 36 -26.31 0.37 20.94
CA ILE C 36 -26.64 0.30 22.37
C ILE C 36 -27.98 1.01 22.60
N ALA C 37 -28.78 0.48 23.54
CA ALA C 37 -30.08 1.06 23.85
C ALA C 37 -29.94 2.29 24.76
N LEU C 38 -30.44 3.43 24.28
CA LEU C 38 -30.38 4.65 25.06
C LEU C 38 -31.74 5.34 25.13
N PRO C 39 -32.03 5.99 26.27
CA PRO C 39 -33.29 6.70 26.52
C PRO C 39 -33.36 8.06 25.86
N GLY C 40 -34.59 8.49 25.54
CA GLY C 40 -34.79 9.77 24.91
C GLY C 40 -34.95 9.65 23.42
N ARG C 41 -35.17 10.78 22.76
CA ARG C 41 -35.33 10.80 21.33
C ARG C 41 -33.99 11.16 20.70
N TRP C 42 -33.82 10.78 19.43
CA TRP C 42 -32.55 10.98 18.74
C TRP C 42 -32.77 11.64 17.38
N LYS C 43 -31.69 12.21 16.84
CA LYS C 43 -31.71 12.79 15.50
C LYS C 43 -30.60 12.11 14.70
N PRO C 44 -30.83 11.89 13.39
CA PRO C 44 -29.81 11.23 12.56
C PRO C 44 -28.65 12.16 12.30
N LYS C 45 -27.44 11.61 12.24
CA LYS C 45 -26.26 12.44 11.97
C LYS C 45 -25.24 11.62 11.18
N MET C 46 -24.51 12.32 10.31
CA MET C 46 -23.45 11.72 9.53
C MET C 46 -22.13 12.21 10.06
N ILE C 47 -21.25 11.28 10.44
CA ILE C 47 -19.93 11.65 10.90
C ILE C 47 -18.92 11.00 9.97
N GLY C 48 -17.86 11.73 9.66
CA GLY C 48 -16.86 11.19 8.76
C GLY C 48 -15.46 11.12 9.33
N GLY C 49 -14.62 10.33 8.66
CA GLY C 49 -13.25 10.18 9.09
C GLY C 49 -12.52 9.38 8.06
N ILE C 50 -11.44 8.72 8.47
CA ILE C 50 -10.68 7.90 7.55
C ILE C 50 -11.58 6.75 7.11
N GLY C 51 -11.73 6.59 5.79
CA GLY C 51 -12.57 5.53 5.26
C GLY C 51 -13.91 5.98 4.75
N GLY C 52 -14.34 7.17 5.17
CA GLY C 52 -15.62 7.69 4.73
C GLY C 52 -16.56 8.07 5.87
N PHE C 53 -17.83 8.25 5.53
CA PHE C 53 -18.85 8.64 6.51
C PHE C 53 -19.75 7.47 6.91
N ILE C 54 -20.28 7.53 8.12
CA ILE C 54 -21.27 6.55 8.58
C ILE C 54 -22.47 7.30 9.14
N LYS C 55 -23.60 6.61 9.25
CA LYS C 55 -24.81 7.22 9.79
C LYS C 55 -24.95 6.80 11.26
N VAL C 56 -25.34 7.75 12.11
CA VAL C 56 -25.44 7.48 13.53
C VAL C 56 -26.66 8.16 14.13
N ARG C 57 -27.05 7.71 15.32
CA ARG C 57 -28.15 8.32 16.04
C ARG C 57 -27.55 9.23 17.11
N GLN C 58 -27.99 10.49 17.16
CA GLN C 58 -27.49 11.43 18.15
C GLN C 58 -28.40 11.52 19.37
N TYR C 59 -27.90 11.06 20.51
CA TYR C 59 -28.63 11.18 21.77
C TYR C 59 -27.96 12.25 22.63
N ASP C 60 -28.76 13.09 23.27
CA ASP C 60 -28.23 14.14 24.13
C ASP C 60 -28.47 13.79 25.59
N GLN C 61 -27.74 14.47 26.48
CA GLN C 61 -27.91 14.31 27.91
C GLN C 61 -27.62 12.89 28.39
N ILE C 62 -26.59 12.27 27.82
CA ILE C 62 -26.22 10.92 28.20
C ILE C 62 -25.09 10.99 29.21
N ILE C 63 -25.18 10.17 30.26
CA ILE C 63 -24.15 10.13 31.29
C ILE C 63 -23.24 8.94 31.06
N ILE C 64 -21.94 9.16 31.24
CA ILE C 64 -20.99 8.08 31.11
C ILE C 64 -20.04 8.12 32.31
N GLU C 65 -19.44 6.97 32.59
CA GLU C 65 -18.50 6.89 33.71
C GLU C 65 -17.21 6.15 33.34
N ILE C 66 -16.09 6.78 33.72
CA ILE C 66 -14.76 6.24 33.48
C ILE C 66 -13.82 6.53 34.66
N CYS C 67 -13.39 5.47 35.35
CA CYS C 67 -12.46 5.58 36.47
C CYS C 67 -13.02 6.46 37.62
N GLY C 68 -14.26 6.20 38.02
CA GLY C 68 -14.86 6.96 39.11
C GLY C 68 -15.37 8.34 38.77
N LYS C 69 -14.99 8.88 37.61
CA LYS C 69 -15.44 10.20 37.20
C LYS C 69 -16.61 10.11 36.23
N LYS C 70 -17.52 11.08 36.35
CA LYS C 70 -18.70 11.10 35.51
C LYS C 70 -18.72 12.34 34.62
N ALA C 71 -19.42 12.22 33.50
CA ALA C 71 -19.56 13.32 32.56
C ALA C 71 -20.89 13.11 31.85
N ILE C 72 -21.47 14.20 31.36
CA ILE C 72 -22.73 14.14 30.66
C ILE C 72 -22.62 14.93 29.37
N GLY C 73 -23.27 14.43 28.33
CA GLY C 73 -23.23 15.12 27.05
C GLY C 73 -23.85 14.31 25.93
N THR C 74 -23.44 14.61 24.71
CA THR C 74 -23.96 13.89 23.56
C THR C 74 -23.19 12.62 23.24
N VAL C 75 -23.94 11.56 22.92
CA VAL C 75 -23.36 10.28 22.54
C VAL C 75 -23.99 9.84 21.23
N LEU C 76 -23.13 9.46 20.28
CA LEU C 76 -23.59 9.02 18.96
C LEU C 76 -23.56 7.49 18.90
N VAL C 77 -24.62 6.90 18.38
CA VAL C 77 -24.72 5.44 18.30
C VAL C 77 -24.74 5.01 16.85
N GLY C 78 -23.85 4.08 16.51
CA GLY C 78 -23.78 3.63 15.13
C GLY C 78 -22.76 2.55 14.85
N PRO C 79 -22.61 2.15 13.58
CA PRO C 79 -21.65 1.11 13.18
C PRO C 79 -20.18 1.54 13.19
N THR C 80 -19.61 1.62 14.40
CA THR C 80 -18.21 1.99 14.54
C THR C 80 -17.47 0.72 14.95
N PRO C 81 -16.27 0.50 14.39
CA PRO C 81 -15.46 -0.70 14.71
C PRO C 81 -14.90 -0.71 16.12
N VAL C 82 -14.82 0.48 16.74
CA VAL C 82 -14.31 0.61 18.10
C VAL C 82 -15.11 1.73 18.78
N ASN C 83 -15.31 1.62 20.09
CA ASN C 83 -16.05 2.65 20.81
C ASN C 83 -15.12 3.84 21.09
N ILE C 84 -15.60 5.05 20.76
CA ILE C 84 -14.78 6.25 20.89
C ILE C 84 -15.29 7.30 21.88
N ILE C 85 -14.43 7.65 22.83
CA ILE C 85 -14.73 8.69 23.79
C ILE C 85 -14.05 9.96 23.25
N GLY C 86 -14.85 10.88 22.71
CA GLY C 86 -14.30 12.10 22.15
C GLY C 86 -14.05 13.23 23.12
N ARG C 87 -13.61 14.37 22.58
CA ARG C 87 -13.31 15.54 23.38
C ARG C 87 -14.52 16.15 24.08
N ASN C 88 -15.73 15.93 23.55
CA ASN C 88 -16.90 16.50 24.22
C ASN C 88 -17.05 15.86 25.59
N MET C 89 -16.56 14.63 25.74
CA MET C 89 -16.57 13.94 27.03
C MET C 89 -15.22 14.07 27.78
N LEU C 90 -14.11 13.88 27.05
CA LEU C 90 -12.78 13.98 27.68
C LEU C 90 -12.61 15.26 28.51
N THR C 91 -13.10 16.39 28.01
CA THR C 91 -12.97 17.65 28.75
C THR C 91 -13.65 17.56 30.12
N GLN C 92 -14.87 17.02 30.13
CA GLN C 92 -15.65 16.89 31.35
C GLN C 92 -14.94 16.03 32.40
N LEU C 93 -14.10 15.10 31.95
CA LEU C 93 -13.38 14.21 32.86
C LEU C 93 -12.08 14.86 33.31
N GLY C 94 -11.80 16.06 32.79
CA GLY C 94 -10.57 16.72 33.17
C GLY C 94 -9.36 16.02 32.57
N CYS C 95 -9.58 15.36 31.43
CA CYS C 95 -8.52 14.65 30.74
C CYS C 95 -7.65 15.61 29.93
N THR C 96 -6.35 15.56 30.15
CA THR C 96 -5.42 16.39 29.39
C THR C 96 -4.35 15.51 28.77
N LEU C 97 -3.53 16.11 27.91
CA LEU C 97 -2.45 15.42 27.24
C LEU C 97 -1.19 16.03 27.82
N ASN C 98 -0.27 15.20 28.30
CA ASN C 98 0.94 15.73 28.92
C ASN C 98 2.22 15.14 28.35
N PHE C 99 3.27 15.96 28.33
CA PHE C 99 4.59 15.52 27.90
C PHE C 99 5.62 16.55 28.34
N PRO D 1 4.67 20.27 28.50
CA PRO D 1 3.48 20.99 28.96
C PRO D 1 2.25 20.12 29.11
N GLN D 2 1.10 20.79 29.29
CA GLN D 2 -0.19 20.15 29.43
C GLN D 2 -1.15 20.80 28.43
N ILE D 3 -1.84 19.97 27.65
CA ILE D 3 -2.76 20.47 26.64
C ILE D 3 -4.20 20.07 26.97
N THR D 4 -5.09 21.06 27.05
CA THR D 4 -6.50 20.78 27.33
C THR D 4 -7.21 20.47 26.02
N LEU D 5 -8.39 19.85 26.11
CA LEU D 5 -9.12 19.39 24.94
C LEU D 5 -10.38 20.18 24.58
N TRP D 6 -10.52 21.39 25.13
CA TRP D 6 -11.69 22.23 24.84
C TRP D 6 -11.80 22.55 23.37
N LYS D 7 -10.67 22.45 22.67
CA LYS D 7 -10.66 22.64 21.22
C LYS D 7 -9.72 21.57 20.67
N ARG D 8 -9.80 21.32 19.36
CA ARG D 8 -8.92 20.32 18.73
C ARG D 8 -7.47 20.62 19.06
N PRO D 9 -6.71 19.60 19.48
CA PRO D 9 -5.29 19.88 19.80
C PRO D 9 -4.43 19.96 18.54
N LEU D 10 -4.44 21.11 17.89
CA LEU D 10 -3.68 21.31 16.66
C LEU D 10 -2.31 21.87 17.00
N VAL D 11 -1.28 21.38 16.32
CA VAL D 11 0.08 21.88 16.51
C VAL D 11 0.74 22.03 15.15
N SER D 12 1.81 22.81 15.09
CA SER D 12 2.57 22.97 13.84
C SER D 12 3.65 21.89 13.78
N ILE D 13 3.86 21.32 12.60
CA ILE D 13 4.86 20.26 12.45
C ILE D 13 5.68 20.51 11.21
N LYS D 14 6.88 19.94 11.18
CA LYS D 14 7.69 20.01 9.99
C LYS D 14 8.02 18.59 9.56
N VAL D 15 7.61 18.24 8.34
CA VAL D 15 7.85 16.92 7.78
C VAL D 15 8.15 17.09 6.29
N GLY D 16 9.06 16.26 5.77
CA GLY D 16 9.41 16.37 4.37
C GLY D 16 9.79 17.79 3.95
N GLY D 17 10.43 18.52 4.87
CA GLY D 17 10.82 19.89 4.59
C GLY D 17 9.73 20.94 4.57
N GLN D 18 8.50 20.55 4.92
CA GLN D 18 7.39 21.48 4.92
C GLN D 18 6.74 21.66 6.28
N ILE D 19 6.15 22.85 6.48
CA ILE D 19 5.43 23.17 7.70
C ILE D 19 3.96 22.85 7.49
N LYS D 20 3.36 22.14 8.46
CA LYS D 20 1.95 21.76 8.35
C LYS D 20 1.24 21.83 9.70
N GLU D 21 -0.08 21.76 9.67
CA GLU D 21 -0.87 21.75 10.88
C GLU D 21 -1.29 20.29 11.04
N ALA D 22 -1.15 19.75 12.25
CA ALA D 22 -1.51 18.36 12.49
C ALA D 22 -2.30 18.22 13.80
N LEU D 23 -2.98 17.08 13.94
CA LEU D 23 -3.81 16.81 15.11
C LEU D 23 -3.17 15.76 16.01
N LEU D 24 -2.97 16.10 17.30
CA LEU D 24 -2.47 15.11 18.25
C LEU D 24 -3.63 14.13 18.48
N ASP D 25 -3.46 12.89 18.02
CA ASP D 25 -4.54 11.91 18.00
C ASP D 25 -4.24 10.62 18.76
N THR D 26 -4.70 10.53 20.02
CA THR D 26 -4.48 9.33 20.82
C THR D 26 -5.34 8.16 20.28
N GLY D 27 -6.28 8.48 19.40
CA GLY D 27 -7.14 7.47 18.83
C GLY D 27 -6.60 6.90 17.52
N ALA D 28 -5.37 7.28 17.19
CA ALA D 28 -4.72 6.79 15.98
C ALA D 28 -3.44 6.05 16.36
N ASP D 29 -3.26 4.85 15.80
CA ASP D 29 -2.05 4.07 16.06
C ASP D 29 -0.91 4.68 15.25
N ASP D 30 -1.26 5.26 14.09
CA ASP D 30 -0.27 5.72 13.14
C ASP D 30 -0.28 7.24 12.94
N THR D 31 0.78 7.72 12.29
CA THR D 31 0.93 9.12 11.94
C THR D 31 0.69 9.16 10.43
N VAL D 32 -0.31 9.93 10.00
CA VAL D 32 -0.62 9.96 8.59
C VAL D 32 -0.74 11.38 8.04
N ILE D 33 -0.15 11.59 6.87
CA ILE D 33 -0.12 12.93 6.29
C ILE D 33 -0.53 12.96 4.83
N GLU D 34 -1.14 14.10 4.45
CA GLU D 34 -1.60 14.35 3.10
C GLU D 34 -0.43 14.14 2.13
N GLU D 35 -0.75 13.96 0.85
CA GLU D 35 0.27 13.70 -0.16
C GLU D 35 1.43 14.68 -0.03
N ILE D 36 2.64 14.13 0.07
CA ILE D 36 3.85 14.92 0.20
C ILE D 36 5.03 14.05 -0.25
N ALA D 37 6.14 14.68 -0.61
CA ALA D 37 7.30 13.94 -1.10
C ALA D 37 8.28 13.57 0.02
N LEU D 38 8.40 12.26 0.24
CA LEU D 38 9.32 11.73 1.23
C LEU D 38 10.30 10.79 0.54
N PRO D 39 11.55 10.76 1.02
CA PRO D 39 12.60 9.92 0.45
C PRO D 39 12.52 8.45 0.86
N GLY D 40 13.19 7.59 0.09
CA GLY D 40 13.21 6.18 0.42
C GLY D 40 12.16 5.33 -0.26
N ARG D 41 12.18 4.05 0.08
CA ARG D 41 11.24 3.09 -0.48
C ARG D 41 10.08 2.95 0.49
N TRP D 42 8.89 2.70 -0.04
CA TRP D 42 7.72 2.57 0.82
C TRP D 42 7.10 1.19 0.72
N LYS D 43 6.23 0.87 1.68
CA LYS D 43 5.53 -0.40 1.73
C LYS D 43 4.04 -0.09 1.74
N PRO D 44 3.23 -0.99 1.17
CA PRO D 44 1.78 -0.76 1.15
C PRO D 44 1.21 -0.91 2.55
N LYS D 45 0.11 -0.22 2.84
CA LYS D 45 -0.54 -0.39 4.13
C LYS D 45 -1.99 0.04 4.15
N MET D 46 -2.79 -0.69 4.94
CA MET D 46 -4.21 -0.43 5.12
C MET D 46 -4.42 0.06 6.55
N ILE D 47 -5.19 1.13 6.71
CA ILE D 47 -5.51 1.63 8.04
C ILE D 47 -7.01 1.81 8.08
N GLY D 48 -7.64 1.23 9.11
CA GLY D 48 -9.09 1.34 9.22
C GLY D 48 -9.61 2.44 10.10
N GLY D 49 -10.24 3.44 9.48
CA GLY D 49 -10.81 4.53 10.24
C GLY D 49 -12.25 4.24 10.63
N ILE D 50 -13.05 5.29 10.85
CA ILE D 50 -14.43 5.11 11.25
C ILE D 50 -15.29 4.65 10.06
N GLY D 51 -14.96 5.12 8.87
CA GLY D 51 -15.75 4.74 7.71
C GLY D 51 -15.19 3.61 6.86
N GLY D 52 -14.24 2.85 7.42
CA GLY D 52 -13.65 1.76 6.68
C GLY D 52 -12.17 1.96 6.47
N PHE D 53 -11.55 1.09 5.65
CA PHE D 53 -10.12 1.17 5.38
C PHE D 53 -9.75 1.95 4.13
N ILE D 54 -8.47 2.33 4.05
CA ILE D 54 -7.93 3.02 2.88
C ILE D 54 -6.48 2.57 2.74
N LYS D 55 -5.88 2.80 1.57
CA LYS D 55 -4.49 2.43 1.39
C LYS D 55 -3.60 3.65 1.51
N VAL D 56 -2.45 3.48 2.13
CA VAL D 56 -1.50 4.57 2.29
C VAL D 56 -0.10 4.02 2.07
N ARG D 57 0.84 4.91 1.76
CA ARG D 57 2.23 4.52 1.56
C ARG D 57 2.97 4.63 2.90
N GLN D 58 3.71 3.59 3.28
CA GLN D 58 4.43 3.62 4.55
C GLN D 58 5.91 3.91 4.41
N TYR D 59 6.35 5.03 4.99
CA TYR D 59 7.78 5.36 4.97
C TYR D 59 8.30 5.19 6.39
N ASP D 60 9.50 4.64 6.54
CA ASP D 60 10.06 4.44 7.85
C ASP D 60 11.21 5.39 8.12
N GLN D 61 11.47 5.62 9.40
CA GLN D 61 12.57 6.47 9.84
C GLN D 61 12.51 7.87 9.22
N ILE D 62 11.32 8.47 9.25
CA ILE D 62 11.14 9.83 8.73
C ILE D 62 11.25 10.80 9.90
N ILE D 63 11.93 11.92 9.66
CA ILE D 63 12.12 12.92 10.71
C ILE D 63 10.96 13.91 10.72
N ILE D 64 10.52 14.30 11.92
CA ILE D 64 9.44 15.25 12.08
C ILE D 64 9.63 16.09 13.33
N GLU D 65 9.48 17.41 13.19
CA GLU D 65 9.60 18.31 14.33
C GLU D 65 8.19 18.55 14.84
N ILE D 66 8.00 18.35 16.15
CA ILE D 66 6.68 18.50 16.75
C ILE D 66 6.90 19.10 18.13
N CYS D 67 6.20 20.20 18.44
CA CYS D 67 6.32 20.85 19.74
C CYS D 67 7.78 21.09 20.10
N GLY D 68 8.52 21.76 19.23
CA GLY D 68 9.92 22.02 19.50
C GLY D 68 10.70 20.76 19.85
N LYS D 69 10.19 19.62 19.39
CA LYS D 69 10.83 18.33 19.62
C LYS D 69 10.96 17.61 18.28
N LYS D 70 11.76 16.54 18.27
CA LYS D 70 11.93 15.74 17.08
C LYS D 70 11.51 14.30 17.32
N ALA D 71 10.78 13.76 16.34
CA ALA D 71 10.35 12.37 16.37
C ALA D 71 10.86 11.78 15.07
N ILE D 72 11.37 10.56 15.13
CA ILE D 72 11.85 9.90 13.92
C ILE D 72 11.22 8.53 13.86
N GLY D 73 10.26 8.37 12.96
CA GLY D 73 9.58 7.09 12.85
C GLY D 73 8.76 6.88 11.60
N THR D 74 7.82 5.94 11.71
CA THR D 74 6.96 5.60 10.59
C THR D 74 5.96 6.72 10.34
N VAL D 75 5.85 7.10 9.08
CA VAL D 75 4.93 8.14 8.65
C VAL D 75 4.15 7.56 7.47
N LEU D 76 2.82 7.56 7.58
CA LEU D 76 1.98 7.06 6.51
C LEU D 76 1.50 8.23 5.66
N VAL D 77 1.53 8.08 4.33
CA VAL D 77 1.12 9.15 3.44
C VAL D 77 -0.12 8.72 2.68
N GLY D 78 -1.14 9.57 2.67
CA GLY D 78 -2.36 9.24 1.96
C GLY D 78 -3.41 10.33 1.93
N PRO D 79 -4.54 10.06 1.26
CA PRO D 79 -5.65 11.01 1.13
C PRO D 79 -6.39 11.20 2.44
N THR D 80 -5.72 11.81 3.41
CA THR D 80 -6.32 12.06 4.71
C THR D 80 -6.77 13.51 4.85
N PRO D 81 -7.99 13.71 5.38
CA PRO D 81 -8.60 15.04 5.59
C PRO D 81 -7.75 15.96 6.47
N VAL D 82 -6.98 15.36 7.37
CA VAL D 82 -6.22 16.10 8.37
C VAL D 82 -4.90 15.38 8.54
N ASN D 83 -3.86 16.09 8.96
CA ASN D 83 -2.58 15.43 9.21
C ASN D 83 -2.66 14.91 10.63
N ILE D 84 -2.25 13.66 10.84
CA ILE D 84 -2.41 13.07 12.15
C ILE D 84 -1.14 12.59 12.81
N ILE D 85 -0.99 12.97 14.09
CA ILE D 85 0.12 12.54 14.89
C ILE D 85 -0.43 11.44 15.77
N GLY D 86 -0.18 10.20 15.35
CA GLY D 86 -0.64 9.04 16.10
C GLY D 86 0.27 8.63 17.23
N ARG D 87 -0.14 7.60 17.96
CA ARG D 87 0.60 7.08 19.11
C ARG D 87 2.06 6.72 18.89
N ASN D 88 2.41 6.26 17.68
CA ASN D 88 3.79 5.91 17.41
C ASN D 88 4.69 7.14 17.59
N MET D 89 4.18 8.33 17.25
CA MET D 89 4.95 9.56 17.39
C MET D 89 4.73 10.20 18.76
N LEU D 90 3.48 10.12 19.26
CA LEU D 90 3.15 10.71 20.55
C LEU D 90 3.99 10.10 21.66
N THR D 91 4.25 8.79 21.57
CA THR D 91 5.04 8.12 22.60
C THR D 91 6.48 8.62 22.56
N GLN D 92 7.02 8.88 21.37
CA GLN D 92 8.40 9.39 21.30
C GLN D 92 8.49 10.72 22.01
N LEU D 93 7.36 11.45 22.04
CA LEU D 93 7.30 12.76 22.69
C LEU D 93 7.04 12.60 24.19
N GLY D 94 6.77 11.37 24.61
CA GLY D 94 6.49 11.12 26.02
C GLY D 94 5.12 11.60 26.45
N CYS D 95 4.13 11.49 25.55
CA CYS D 95 2.78 11.93 25.87
C CYS D 95 2.03 10.91 26.71
N THR D 96 1.23 11.41 27.65
CA THR D 96 0.38 10.56 28.45
C THR D 96 -0.94 11.29 28.57
N LEU D 97 -2.01 10.53 28.83
CA LEU D 97 -3.31 11.12 29.07
C LEU D 97 -3.42 11.16 30.59
N ASN D 98 -3.98 12.24 31.12
CA ASN D 98 -4.08 12.38 32.56
C ASN D 98 -5.45 12.94 32.94
N PHE D 99 -6.10 12.27 33.91
CA PHE D 99 -7.39 12.72 34.39
C PHE D 99 -7.71 12.05 35.73
C1 1UN E . 10.82 -15.61 -16.14
C2 1UN E . 11.93 -15.60 -15.01
C3 1UN E . 12.42 -17.02 -14.70
C4 1UN E . 12.89 -17.71 -16.00
C5 1UN E . 11.76 -17.76 -17.06
C6 1UN E . 11.31 -16.30 -17.46
N7 1UN E . 11.52 -13.28 -16.83
C8 1UN E . 12.55 -13.22 -15.73
C9 1UN E . 13.09 -14.65 -15.45
C10 1UN E . 10.35 -14.14 -16.43
C11 1UN E . 13.72 -12.39 -16.14
N12 1UN E . 14.16 -11.60 -15.14
C13 1UN E . 15.33 -10.63 -15.21
C14 1UN E . 16.66 -11.37 -15.52
C15 1UN E . 15.06 -9.59 -16.35
C16 1UN E . 15.43 -9.97 -13.81
O17 1UN E . 14.17 -12.50 -17.30
C18 1UN E . 10.93 -11.96 -17.15
C19 1UN E . 10.54 -11.96 -18.64
C20 1UN E . 11.68 -11.68 -19.64
O21 1UN E . 9.53 -10.94 -18.71
N22 1UN E . 11.03 -11.82 -20.96
C23 1UN E . 12.25 -10.27 -19.62
C24 1UN E . 11.38 -12.90 -21.76
O25 1UN E . 12.21 -13.75 -21.39
C29 1UN E . 10.70 -13.00 -23.05
C30 1UN E . 10.85 -11.95 -23.98
C31 1UN E . 10.23 -11.98 -25.26
C32 1UN E . 9.44 -13.10 -25.59
C33 1UN E . 9.28 -14.16 -24.68
C34 1UN E . 9.90 -14.14 -23.38
O38 1UN E . 8.50 -15.25 -25.04
C39 1UN E . 9.68 -15.32 -22.46
S74 1UN E . 13.82 -10.21 -20.51
C77 1UN E . 13.44 -9.70 -22.12
C78 1UN E . 14.25 -10.22 -23.17
C79 1UN E . 13.97 -9.81 -24.49
C80 1UN E . 12.91 -8.90 -24.75
C81 1UN E . 12.11 -8.38 -23.70
C82 1UN E . 12.38 -8.79 -22.37
C1 1UN F . -9.41 12.49 12.03
C2 1UN F . -10.82 13.17 11.81
C3 1UN F . -10.93 13.77 10.41
C4 1UN F . -10.61 12.70 9.33
C5 1UN F . -9.20 12.11 9.54
C6 1UN F . -9.11 11.39 10.96
N7 1UN F . -10.45 10.88 13.68
C8 1UN F . -11.80 11.54 13.53
C9 1UN F . -11.94 12.12 12.09
C10 1UN F . -9.34 11.88 13.46
C11 1UN F . -12.91 10.54 13.69
N12 1UN F . -13.93 11.04 14.43
C13 1UN F . -15.20 10.32 14.80
C14 1UN F . -16.01 9.89 13.55
C15 1UN F . -14.84 9.03 15.62
C16 1UN F . -16.05 11.31 15.63
O17 1UN F . -12.79 9.41 13.17
C18 1UN F . -10.23 10.33 15.05
C19 1UN F . -9.28 9.11 14.90
C20 1UN F . -9.94 7.78 14.48
O21 1UN F . -8.67 8.99 16.21
N22 1UN F . -8.82 6.84 14.37
C23 1UN F . -10.89 7.17 15.49
C24 1UN F . -8.46 6.40 13.11
O25 1UN F . -9.06 6.78 12.08
C29 1UN F . -7.34 5.47 13.03
C30 1UN F . -7.40 4.24 13.71
C31 1UN F . -6.36 3.29 13.68
C32 1UN F . -5.20 3.59 12.94
C33 1UN F . -5.11 4.81 12.24
C34 1UN F . -6.17 5.78 12.26
O38 1UN F . -3.97 5.10 11.51
C39 1UN F . -5.98 7.07 11.48
S74 1UN F . -11.87 5.86 14.71
C77 1UN F . -11.08 4.38 15.04
C78 1UN F . -11.20 3.37 14.04
C79 1UN F . -10.56 2.13 14.27
C80 1UN F . -9.82 1.92 15.45
C81 1UN F . -9.70 2.92 16.44
C82 1UN F . -10.33 4.18 16.22
#